data_8GAD
#
_entry.id   8GAD
#
_cell.length_a   67.242
_cell.length_b   67.242
_cell.length_c   101.902
_cell.angle_alpha   90.00
_cell.angle_beta   90.00
_cell.angle_gamma   90.00
#
_symmetry.space_group_name_H-M   'P 43 21 2'
#
loop_
_entity.id
_entity.type
_entity.pdbx_description
1 polymer 'PD-L1 binder'
2 non-polymer INDOLE
3 water water
#
_entity_poly.entity_id   1
_entity_poly.type   'polypeptide(L)'
_entity_poly.pdbx_seq_one_letter_code
;SMEEEIEEAYDLVEEAEKTGDTSLLKKAKELLDKVAEEATKSGNPILLIRVIIILIKIVRNSGDPSVAALARELLEKLEE
IAEKEGNRFIEAMGEALRTQIERAL
;
_entity_poly.pdbx_strand_id   A,B
#
loop_
_chem_comp.id
_chem_comp.type
_chem_comp.name
_chem_comp.formula
IND non-polymer INDOLE 'C8 H7 N'
#
# COMPACT_ATOMS: atom_id res chain seq x y z
N SER A 1 -15.67 -12.06 -10.28
CA SER A 1 -14.77 -12.81 -11.16
C SER A 1 -13.30 -12.52 -10.83
N MET A 2 -12.96 -11.23 -10.89
CA MET A 2 -11.58 -10.84 -10.70
C MET A 2 -11.12 -11.11 -9.27
N GLU A 3 -11.94 -10.77 -8.27
CA GLU A 3 -11.51 -10.96 -6.90
C GLU A 3 -11.27 -12.43 -6.59
N GLU A 4 -12.17 -13.30 -7.06
CA GLU A 4 -12.01 -14.75 -6.88
C GLU A 4 -10.70 -15.23 -7.50
N GLU A 5 -10.43 -14.82 -8.74
CA GLU A 5 -9.20 -15.23 -9.43
C GLU A 5 -7.95 -14.74 -8.69
N ILE A 6 -7.99 -13.53 -8.16
CA ILE A 6 -6.87 -12.99 -7.39
C ILE A 6 -6.63 -13.84 -6.14
N GLU A 7 -7.69 -14.17 -5.40
CA GLU A 7 -7.54 -14.99 -4.21
C GLU A 7 -6.96 -16.35 -4.57
N GLU A 8 -7.44 -16.93 -5.66
CA GLU A 8 -6.87 -18.21 -6.10
C GLU A 8 -5.39 -18.08 -6.44
N ALA A 9 -5.01 -17.02 -7.14
CA ALA A 9 -3.59 -16.85 -7.47
C ALA A 9 -2.75 -16.75 -6.20
N TYR A 10 -3.23 -16.01 -5.20
CA TYR A 10 -2.48 -15.89 -3.96
C TYR A 10 -2.36 -17.26 -3.30
N ASP A 11 -3.48 -17.99 -3.24
CA ASP A 11 -3.48 -19.34 -2.69
C ASP A 11 -2.47 -20.25 -3.40
N LEU A 12 -2.42 -20.19 -4.73
CA LEU A 12 -1.51 -21.08 -5.45
C LEU A 12 -0.06 -20.74 -5.17
N VAL A 13 0.26 -19.46 -4.96
CA VAL A 13 1.63 -19.10 -4.61
C VAL A 13 1.97 -19.62 -3.23
N GLU A 14 1.07 -19.45 -2.26
CA GLU A 14 1.30 -20.06 -0.95
C GLU A 14 1.46 -21.56 -1.06
N GLU A 15 0.60 -22.22 -1.87
CA GLU A 15 0.73 -23.68 -2.01
C GLU A 15 2.06 -24.06 -2.67
N ALA A 16 2.49 -23.28 -3.67
CA ALA A 16 3.79 -23.55 -4.30
C ALA A 16 4.92 -23.44 -3.29
N GLU A 17 4.87 -22.43 -2.43
CA GLU A 17 5.93 -22.18 -1.47
C GLU A 17 5.88 -23.20 -0.33
N LYS A 18 4.68 -23.72 -0.04
CA LYS A 18 4.52 -24.75 0.98
C LYS A 18 5.06 -26.10 0.50
N THR A 19 4.78 -26.45 -0.76
CA THR A 19 5.05 -27.78 -1.28
C THR A 19 6.35 -27.87 -2.07
N GLY A 20 6.85 -26.76 -2.58
CA GLY A 20 7.94 -26.77 -3.53
C GLY A 20 7.54 -27.08 -4.95
N ASP A 21 6.25 -27.20 -5.24
CA ASP A 21 5.77 -27.51 -6.60
C ASP A 21 5.74 -26.23 -7.42
N THR A 22 6.79 -25.99 -8.21
CA THR A 22 6.85 -24.75 -8.98
C THR A 22 5.82 -24.69 -10.11
N SER A 23 5.26 -25.82 -10.55
CA SER A 23 4.18 -25.75 -11.54
C SER A 23 2.99 -24.97 -11.04
N LEU A 24 2.83 -24.83 -9.72
CA LEU A 24 1.74 -24.00 -9.22
C LEU A 24 2.04 -22.51 -9.34
N LEU A 25 3.32 -22.12 -9.24
CA LEU A 25 3.70 -20.74 -9.58
C LEU A 25 3.36 -20.40 -11.03
N LYS A 26 3.60 -21.35 -11.94
CA LYS A 26 3.23 -21.17 -13.33
C LYS A 26 1.74 -20.89 -13.47
N LYS A 27 0.90 -21.71 -12.83
CA LYS A 27 -0.53 -21.52 -12.92
C LYS A 27 -0.94 -20.18 -12.31
N ALA A 28 -0.29 -19.77 -11.21
CA ALA A 28 -0.62 -18.48 -10.61
C ALA A 28 -0.31 -17.33 -11.57
N LYS A 29 0.84 -17.40 -12.25
CA LYS A 29 1.21 -16.35 -13.19
C LYS A 29 0.24 -16.31 -14.38
N GLU A 30 -0.24 -17.49 -14.81
CA GLU A 30 -1.28 -17.54 -15.83
C GLU A 30 -2.55 -16.81 -15.39
N LEU A 31 -3.01 -17.10 -14.17
CA LEU A 31 -4.19 -16.43 -13.66
C LEU A 31 -3.98 -14.93 -13.57
N LEU A 32 -2.78 -14.53 -13.14
CA LEU A 32 -2.47 -13.11 -12.95
C LEU A 32 -2.34 -12.39 -14.28
N ASP A 33 -1.83 -13.05 -15.33
CA ASP A 33 -1.87 -12.44 -16.66
C ASP A 33 -3.29 -12.05 -17.04
N LYS A 34 -4.23 -12.96 -16.84
CA LYS A 34 -5.61 -12.71 -17.24
C LYS A 34 -6.24 -11.63 -16.37
N VAL A 35 -6.06 -11.71 -15.06
CA VAL A 35 -6.64 -10.72 -14.15
C VAL A 35 -6.02 -9.35 -14.34
N ALA A 36 -4.70 -9.29 -14.56
CA ALA A 36 -4.04 -8.01 -14.76
C ALA A 36 -4.70 -7.23 -15.91
N GLU A 37 -5.05 -7.94 -16.98
CA GLU A 37 -5.70 -7.28 -18.11
C GLU A 37 -7.12 -6.84 -17.76
N GLU A 38 -7.86 -7.70 -17.04
CA GLU A 38 -9.20 -7.30 -16.59
C GLU A 38 -9.14 -6.11 -15.67
N ALA A 39 -8.20 -6.11 -14.72
CA ALA A 39 -8.16 -5.04 -13.72
C ALA A 39 -7.71 -3.73 -14.32
N THR A 40 -6.80 -3.77 -15.29
CA THR A 40 -6.45 -2.56 -16.04
C THR A 40 -7.68 -1.96 -16.73
N LYS A 41 -8.53 -2.80 -17.33
CA LYS A 41 -9.74 -2.25 -17.95
C LYS A 41 -10.77 -1.78 -16.92
N SER A 42 -10.86 -2.43 -15.76
CA SER A 42 -11.82 -1.99 -14.76
C SER A 42 -11.51 -0.59 -14.24
N GLY A 43 -10.23 -0.21 -14.24
CA GLY A 43 -9.79 1.01 -13.59
C GLY A 43 -9.74 0.94 -12.09
N ASN A 44 -9.83 -0.28 -11.50
CA ASN A 44 -9.98 -0.42 -10.06
C ASN A 44 -8.59 -0.48 -9.43
N PRO A 45 -8.16 0.57 -8.73
CA PRO A 45 -6.80 0.56 -8.19
C PRO A 45 -6.57 -0.52 -7.15
N ILE A 46 -7.60 -0.92 -6.41
CA ILE A 46 -7.42 -1.98 -5.41
C ILE A 46 -7.05 -3.29 -6.08
N LEU A 47 -7.74 -3.62 -7.18
CA LEU A 47 -7.47 -4.88 -7.85
C LEU A 47 -6.06 -4.91 -8.44
N LEU A 48 -5.62 -3.78 -9.00
CA LEU A 48 -4.25 -3.67 -9.47
C LEU A 48 -3.26 -3.86 -8.33
N ILE A 49 -3.51 -3.19 -7.20
CA ILE A 49 -2.64 -3.35 -6.05
C ILE A 49 -2.56 -4.81 -5.62
N ARG A 50 -3.70 -5.50 -5.57
CA ARG A 50 -3.68 -6.90 -5.14
C ARG A 50 -2.83 -7.75 -6.07
N VAL A 51 -2.99 -7.55 -7.39
CA VAL A 51 -2.21 -8.32 -8.35
C VAL A 51 -0.72 -8.04 -8.17
N ILE A 52 -0.35 -6.76 -8.01
CA ILE A 52 1.06 -6.40 -7.85
C ILE A 52 1.64 -7.07 -6.61
N ILE A 53 0.87 -7.10 -5.52
CA ILE A 53 1.34 -7.71 -4.28
C ILE A 53 1.70 -9.18 -4.49
N ILE A 54 0.88 -9.90 -5.27
CA ILE A 54 1.16 -11.31 -5.53
C ILE A 54 2.38 -11.45 -6.44
N LEU A 55 2.47 -10.60 -7.47
CA LEU A 55 3.68 -10.61 -8.31
C LEU A 55 4.95 -10.39 -7.49
N ILE A 56 4.92 -9.45 -6.53
CA ILE A 56 6.08 -9.25 -5.67
C ILE A 56 6.42 -10.53 -4.93
N LYS A 57 5.41 -11.20 -4.38
CA LYS A 57 5.64 -12.46 -3.68
C LYS A 57 6.30 -13.49 -4.60
N ILE A 58 5.88 -13.54 -5.87
CA ILE A 58 6.44 -14.51 -6.80
C ILE A 58 7.88 -14.18 -7.14
N VAL A 59 8.19 -12.90 -7.33
CA VAL A 59 9.57 -12.53 -7.65
C VAL A 59 10.50 -12.96 -6.53
N ARG A 60 10.10 -12.73 -5.27
CA ARG A 60 10.95 -13.13 -4.14
C ARG A 60 11.20 -14.63 -4.11
N ASN A 61 10.20 -15.43 -4.50
CA ASN A 61 10.32 -16.88 -4.39
C ASN A 61 10.93 -17.53 -5.63
N SER A 62 11.02 -16.80 -6.75
CA SER A 62 11.50 -17.39 -8.00
C SER A 62 12.51 -16.53 -8.75
N GLY A 63 12.54 -15.21 -8.54
CA GLY A 63 13.45 -14.34 -9.29
C GLY A 63 13.08 -14.11 -10.75
N ASP A 64 11.88 -14.54 -11.18
CA ASP A 64 11.51 -14.52 -12.60
C ASP A 64 11.49 -13.10 -13.12
N PRO A 65 12.35 -12.74 -14.07
CA PRO A 65 12.35 -11.35 -14.57
C PRO A 65 11.05 -10.94 -15.26
N SER A 66 10.36 -11.86 -15.92
CA SER A 66 9.12 -11.48 -16.60
C SER A 66 8.03 -11.14 -15.59
N VAL A 67 8.03 -11.80 -14.44
CA VAL A 67 7.09 -11.45 -13.39
C VAL A 67 7.35 -10.03 -12.88
N ALA A 68 8.62 -9.69 -12.65
CA ALA A 68 8.96 -8.34 -12.23
C ALA A 68 8.59 -7.31 -13.29
N ALA A 69 8.77 -7.66 -14.56
CA ALA A 69 8.43 -6.75 -15.65
C ALA A 69 6.93 -6.44 -15.66
N LEU A 70 6.10 -7.46 -15.40
CA LEU A 70 4.66 -7.21 -15.33
C LEU A 70 4.32 -6.31 -14.15
N ALA A 71 4.92 -6.58 -12.99
CA ALA A 71 4.66 -5.74 -11.83
C ALA A 71 4.96 -4.27 -12.13
N ARG A 72 6.07 -4.01 -12.82
CA ARG A 72 6.42 -2.63 -13.12
C ARG A 72 5.40 -2.03 -14.09
N GLU A 73 4.97 -2.80 -15.09
CA GLU A 73 3.96 -2.31 -16.02
C GLU A 73 2.67 -1.96 -15.29
N LEU A 74 2.28 -2.78 -14.32
CA LEU A 74 1.05 -2.48 -13.58
C LEU A 74 1.22 -1.30 -12.63
N LEU A 75 2.42 -1.16 -12.04
CA LEU A 75 2.70 0.00 -11.20
C LEU A 75 2.59 1.29 -12.02
N GLU A 76 3.02 1.25 -13.28
CA GLU A 76 2.78 2.39 -14.17
C GLU A 76 1.28 2.65 -14.37
N LYS A 77 0.50 1.60 -14.63
CA LYS A 77 -0.93 1.79 -14.83
C LYS A 77 -1.58 2.33 -13.56
N LEU A 78 -1.16 1.81 -12.40
CA LEU A 78 -1.67 2.30 -11.13
C LEU A 78 -1.37 3.78 -10.93
N GLU A 79 -0.17 4.22 -11.29
CA GLU A 79 0.20 5.62 -11.14
C GLU A 79 -0.65 6.51 -12.06
N GLU A 80 -1.00 6.00 -13.25
CA GLU A 80 -1.86 6.77 -14.16
C GLU A 80 -3.23 7.00 -13.54
N ILE A 81 -3.77 5.96 -12.89
CA ILE A 81 -5.04 6.09 -12.19
C ILE A 81 -4.93 7.13 -11.08
N ALA A 82 -3.85 7.05 -10.29
CA ALA A 82 -3.63 8.02 -9.22
C ALA A 82 -3.61 9.45 -9.77
N GLU A 83 -2.87 9.67 -10.87
CA GLU A 83 -2.83 11.00 -11.48
C GLU A 83 -4.21 11.43 -11.97
N LYS A 84 -4.89 10.53 -12.69
CA LYS A 84 -6.19 10.86 -13.27
C LYS A 84 -7.19 11.28 -12.20
N GLU A 85 -7.15 10.61 -11.05
CA GLU A 85 -8.09 10.82 -9.96
C GLU A 85 -7.62 11.85 -8.94
N GLY A 86 -6.38 12.33 -9.07
CA GLY A 86 -5.81 13.23 -8.08
C GLY A 86 -5.66 12.59 -6.72
N ASN A 87 -5.35 11.29 -6.67
CA ASN A 87 -5.36 10.52 -5.44
C ASN A 87 -3.90 10.30 -5.01
N ARG A 88 -3.44 11.11 -4.06
CA ARG A 88 -2.06 10.99 -3.60
C ARG A 88 -1.83 9.73 -2.78
N PHE A 89 -2.90 9.12 -2.28
CA PHE A 89 -2.74 7.91 -1.46
C PHE A 89 -2.46 6.70 -2.32
N ILE A 90 -3.12 6.62 -3.47
CA ILE A 90 -2.77 5.58 -4.44
C ILE A 90 -1.35 5.78 -4.91
N GLU A 91 -0.95 7.03 -5.14
CA GLU A 91 0.43 7.30 -5.55
C GLU A 91 1.41 6.78 -4.49
N ALA A 92 1.14 7.06 -3.22
CA ALA A 92 2.05 6.61 -2.17
C ALA A 92 2.07 5.09 -2.05
N MET A 93 0.90 4.44 -2.18
CA MET A 93 0.90 2.98 -2.14
C MET A 93 1.68 2.39 -3.31
N GLY A 94 1.55 2.98 -4.49
CA GLY A 94 2.35 2.55 -5.61
C GLY A 94 3.85 2.69 -5.34
N GLU A 95 4.25 3.81 -4.74
CA GLU A 95 5.67 4.01 -4.45
C GLU A 95 6.17 2.98 -3.44
N ALA A 96 5.34 2.64 -2.46
CA ALA A 96 5.75 1.67 -1.46
C ALA A 96 5.93 0.29 -2.09
N LEU A 97 5.05 -0.06 -3.04
CA LEU A 97 5.19 -1.35 -3.72
C LEU A 97 6.39 -1.33 -4.66
N ARG A 98 6.67 -0.19 -5.27
CA ARG A 98 7.81 -0.13 -6.17
C ARG A 98 9.12 -0.31 -5.43
N THR A 99 9.23 0.22 -4.21
CA THR A 99 10.42 -0.03 -3.40
C THR A 99 10.65 -1.53 -3.20
N GLN A 100 9.56 -2.29 -3.00
CA GLN A 100 9.68 -3.72 -2.81
C GLN A 100 10.18 -4.41 -4.08
N ILE A 101 9.60 -4.08 -5.23
CA ILE A 101 10.10 -4.62 -6.51
C ILE A 101 11.58 -4.32 -6.68
N GLU A 102 11.98 -3.07 -6.42
CA GLU A 102 13.35 -2.68 -6.70
C GLU A 102 14.36 -3.33 -5.74
N ARG A 103 13.89 -3.91 -4.64
CA ARG A 103 14.76 -4.60 -3.68
C ARG A 103 14.71 -6.12 -3.79
N ALA A 104 13.95 -6.69 -4.71
CA ALA A 104 14.02 -8.13 -4.90
C ALA A 104 15.40 -8.50 -5.42
N LEU A 105 15.85 -9.69 -5.06
CA LEU A 105 17.07 -10.20 -5.71
C LEU A 105 16.78 -10.77 -7.10
N MET B 2 -14.86 11.60 6.22
CA MET B 2 -13.59 12.16 6.68
C MET B 2 -12.65 12.42 5.52
N GLU B 3 -13.18 12.27 4.31
CA GLU B 3 -12.36 12.52 3.11
C GLU B 3 -11.89 13.96 3.08
N GLU B 4 -12.73 14.89 3.50
CA GLU B 4 -12.35 16.32 3.41
C GLU B 4 -11.19 16.56 4.38
N GLU B 5 -11.30 16.05 5.60
CA GLU B 5 -10.28 16.34 6.60
C GLU B 5 -8.94 15.71 6.22
N ILE B 6 -8.96 14.48 5.72
CA ILE B 6 -7.70 13.82 5.39
C ILE B 6 -7.01 14.52 4.22
N GLU B 7 -7.78 15.01 3.24
CA GLU B 7 -7.15 15.71 2.12
C GLU B 7 -6.61 17.06 2.57
N GLU B 8 -7.34 17.75 3.43
CA GLU B 8 -6.82 19.00 3.98
C GLU B 8 -5.56 18.76 4.80
N ALA B 9 -5.51 17.68 5.58
CA ALA B 9 -4.31 17.41 6.37
C ALA B 9 -3.09 17.22 5.47
N TYR B 10 -3.25 16.43 4.40
CA TYR B 10 -2.16 16.24 3.44
C TYR B 10 -1.71 17.59 2.86
N ASP B 11 -2.68 18.43 2.49
CA ASP B 11 -2.37 19.75 1.95
C ASP B 11 -1.56 20.58 2.94
N LEU B 12 -1.98 20.58 4.21
CA LEU B 12 -1.29 21.38 5.23
C LEU B 12 0.11 20.86 5.51
N VAL B 13 0.29 19.53 5.48
CA VAL B 13 1.64 18.98 5.64
C VAL B 13 2.54 19.49 4.53
N GLU B 14 2.03 19.51 3.29
CA GLU B 14 2.85 20.03 2.19
C GLU B 14 3.12 21.52 2.34
N GLU B 15 2.10 22.29 2.75
CA GLU B 15 2.29 23.73 2.92
C GLU B 15 3.24 24.03 4.09
N ALA B 16 3.16 23.24 5.17
CA ALA B 16 4.06 23.45 6.29
C ALA B 16 5.52 23.28 5.87
N GLU B 17 5.80 22.25 5.07
CA GLU B 17 7.17 22.02 4.65
C GLU B 17 7.62 23.07 3.65
N LYS B 18 6.73 23.54 2.79
CA LYS B 18 7.16 24.55 1.81
C LYS B 18 7.43 25.89 2.48
N THR B 19 6.67 26.25 3.52
CA THR B 19 6.78 27.56 4.14
C THR B 19 7.61 27.56 5.41
N GLY B 20 7.74 26.43 6.08
CA GLY B 20 8.36 26.43 7.38
C GLY B 20 7.45 26.87 8.49
N ASP B 21 6.15 27.03 8.22
CA ASP B 21 5.20 27.47 9.23
C ASP B 21 4.76 26.25 10.03
N THR B 22 5.38 26.05 11.20
CA THR B 22 5.06 24.86 11.99
C THR B 22 3.65 24.91 12.55
N SER B 23 3.02 26.08 12.64
CA SER B 23 1.62 26.10 13.08
C SER B 23 0.73 25.35 12.10
N LEU B 24 1.13 25.26 10.83
CA LEU B 24 0.33 24.50 9.86
C LEU B 24 0.48 23.00 10.10
N LEU B 25 1.67 22.56 10.50
CA LEU B 25 1.86 21.15 10.85
C LEU B 25 1.05 20.79 12.09
N LYS B 26 1.02 21.70 13.07
CA LYS B 26 0.16 21.51 14.24
C LYS B 26 -1.29 21.28 13.83
N LYS B 27 -1.80 22.12 12.93
CA LYS B 27 -3.18 21.97 12.47
C LYS B 27 -3.37 20.65 11.73
N ALA B 28 -2.43 20.30 10.84
CA ALA B 28 -2.50 19.01 10.16
C ALA B 28 -2.59 17.86 11.15
N LYS B 29 -1.80 17.90 12.22
CA LYS B 29 -1.80 16.80 13.17
C LYS B 29 -3.12 16.71 13.92
N GLU B 30 -3.73 17.87 14.22
CA GLU B 30 -5.06 17.86 14.82
C GLU B 30 -6.06 17.17 13.91
N LEU B 31 -5.98 17.46 12.61
CA LEU B 31 -6.86 16.79 11.66
C LEU B 31 -6.55 15.29 11.64
N LEU B 32 -5.26 14.92 11.65
CA LEU B 32 -4.91 13.50 11.59
C LEU B 32 -5.37 12.76 12.84
N ASP B 33 -5.27 13.38 14.02
CA ASP B 33 -5.75 12.71 15.23
C ASP B 33 -7.23 12.41 15.14
N LYS B 34 -8.02 13.35 14.62
CA LYS B 34 -9.45 13.14 14.58
C LYS B 34 -9.81 12.04 13.57
N VAL B 35 -9.11 12.01 12.43
CA VAL B 35 -9.32 10.94 11.44
C VAL B 35 -8.89 9.59 12.01
N ALA B 36 -7.74 9.55 12.69
CA ALA B 36 -7.29 8.31 13.30
C ALA B 36 -8.28 7.79 14.33
N GLU B 37 -8.86 8.70 15.14
CA GLU B 37 -9.82 8.28 16.15
C GLU B 37 -11.06 7.65 15.51
N GLU B 38 -11.57 8.25 14.44
CA GLU B 38 -12.70 7.65 13.73
C GLU B 38 -12.30 6.33 13.07
N ALA B 39 -11.13 6.27 12.45
CA ALA B 39 -10.67 5.02 11.83
C ALA B 39 -10.59 3.90 12.86
N THR B 40 -10.02 4.20 14.03
CA THR B 40 -9.88 3.16 15.05
C THR B 40 -11.22 2.79 15.64
N LYS B 41 -12.12 3.78 15.82
CA LYS B 41 -13.41 3.45 16.41
C LYS B 41 -14.27 2.63 15.45
N SER B 42 -14.17 2.86 14.14
CA SER B 42 -14.94 2.11 13.17
C SER B 42 -14.19 0.91 12.60
N GLY B 43 -12.94 0.71 13.02
CA GLY B 43 -12.12 -0.36 12.47
C GLY B 43 -11.94 -0.28 10.97
N ASN B 44 -11.65 0.92 10.47
CA ASN B 44 -11.58 1.16 9.05
C ASN B 44 -10.11 1.12 8.62
N PRO B 45 -9.66 0.05 7.96
CA PRO B 45 -8.22 -0.06 7.62
C PRO B 45 -7.80 0.90 6.53
N ILE B 46 -8.72 1.30 5.66
CA ILE B 46 -8.37 2.18 4.54
C ILE B 46 -8.11 3.58 5.06
N LEU B 47 -8.94 4.05 5.98
CA LEU B 47 -8.69 5.32 6.63
C LEU B 47 -7.36 5.30 7.37
N LEU B 48 -7.06 4.19 8.07
CA LEU B 48 -5.78 4.10 8.77
C LEU B 48 -4.61 4.20 7.80
N ILE B 49 -4.71 3.52 6.65
CA ILE B 49 -3.64 3.59 5.64
C ILE B 49 -3.41 5.04 5.22
N ARG B 50 -4.48 5.79 5.00
CA ARG B 50 -4.34 7.19 4.60
C ARG B 50 -3.63 8.01 5.68
N VAL B 51 -4.00 7.83 6.96
CA VAL B 51 -3.32 8.54 8.04
C VAL B 51 -1.85 8.18 8.06
N ILE B 52 -1.54 6.89 7.94
CA ILE B 52 -0.15 6.43 8.02
C ILE B 52 0.69 7.05 6.92
N ILE B 53 0.11 7.14 5.71
CA ILE B 53 0.83 7.71 4.57
C ILE B 53 1.24 9.15 4.86
N ILE B 54 0.33 9.92 5.47
CA ILE B 54 0.66 11.31 5.79
C ILE B 54 1.70 11.39 6.93
N LEU B 55 1.55 10.55 7.95
CA LEU B 55 2.57 10.50 9.01
C LEU B 55 3.96 10.21 8.44
N ILE B 56 4.05 9.28 7.48
CA ILE B 56 5.34 9.00 6.85
C ILE B 56 5.91 10.26 6.18
N LYS B 57 5.06 11.01 5.47
CA LYS B 57 5.50 12.28 4.89
C LYS B 57 6.05 13.21 5.97
N ILE B 58 5.35 13.32 7.11
CA ILE B 58 5.83 14.16 8.20
C ILE B 58 7.19 13.67 8.68
N VAL B 59 7.38 12.36 8.79
CA VAL B 59 8.65 11.82 9.30
C VAL B 59 9.77 12.13 8.32
N ARG B 60 9.51 12.02 7.01
CA ARG B 60 10.52 12.40 6.03
C ARG B 60 10.95 13.85 6.20
N ASN B 61 10.00 14.74 6.47
CA ASN B 61 10.29 16.16 6.55
C ASN B 61 10.95 16.59 7.86
N SER B 62 10.77 15.83 8.94
CA SER B 62 11.19 16.31 10.26
C SER B 62 12.06 15.32 11.01
N GLY B 63 11.97 14.04 10.66
CA GLY B 63 12.68 13.03 11.43
C GLY B 63 12.12 12.81 12.83
N ASP B 64 10.97 13.40 13.16
CA ASP B 64 10.38 13.36 14.48
C ASP B 64 10.15 11.91 14.93
N PRO B 65 10.91 11.42 15.92
CA PRO B 65 10.73 10.02 16.33
C PRO B 65 9.36 9.74 16.92
N SER B 66 8.71 10.74 17.52
CA SER B 66 7.40 10.53 18.10
C SER B 66 6.32 10.37 17.03
N VAL B 67 6.48 11.05 15.88
CA VAL B 67 5.56 10.81 14.78
C VAL B 67 5.78 9.42 14.21
N ALA B 68 7.05 9.01 14.06
CA ALA B 68 7.34 7.64 13.66
C ALA B 68 6.72 6.63 14.62
N ALA B 69 6.81 6.91 15.93
CA ALA B 69 6.23 6.01 16.92
C ALA B 69 4.73 5.90 16.74
N LEU B 70 4.06 7.03 16.51
CA LEU B 70 2.61 6.97 16.27
C LEU B 70 2.29 6.19 15.00
N ALA B 71 3.05 6.40 13.93
CA ALA B 71 2.82 5.64 12.71
C ALA B 71 2.95 4.14 12.95
N ARG B 72 3.95 3.73 13.72
CA ARG B 72 4.11 2.32 14.04
C ARG B 72 2.93 1.81 14.84
N GLU B 73 2.44 2.61 15.79
CA GLU B 73 1.26 2.26 16.57
C GLU B 73 0.06 2.00 15.67
N LEU B 74 -0.17 2.89 14.71
CA LEU B 74 -1.33 2.73 13.84
C LEU B 74 -1.13 1.57 12.88
N LEU B 75 0.11 1.28 12.50
CA LEU B 75 0.38 0.11 11.68
C LEU B 75 0.04 -1.18 12.41
N GLU B 76 0.40 -1.29 13.69
CA GLU B 76 -0.03 -2.49 14.43
C GLU B 76 -1.55 -2.61 14.42
N LYS B 77 -2.25 -1.49 14.64
CA LYS B 77 -3.72 -1.52 14.62
C LYS B 77 -4.23 -1.96 13.26
N LEU B 78 -3.60 -1.48 12.18
CA LEU B 78 -3.98 -1.90 10.84
C LEU B 78 -3.77 -3.39 10.62
N GLU B 79 -2.61 -3.90 11.04
CA GLU B 79 -2.36 -5.32 10.85
C GLU B 79 -3.33 -6.17 11.67
N GLU B 80 -3.76 -5.67 12.84
CA GLU B 80 -4.76 -6.40 13.63
C GLU B 80 -6.08 -6.50 12.88
N ILE B 81 -6.51 -5.40 12.26
CA ILE B 81 -7.75 -5.40 11.49
C ILE B 81 -7.63 -6.34 10.30
N ALA B 82 -6.51 -6.27 9.57
CA ALA B 82 -6.32 -7.11 8.40
C ALA B 82 -6.34 -8.59 8.76
N GLU B 83 -5.68 -8.97 9.86
CA GLU B 83 -5.70 -10.38 10.27
C GLU B 83 -7.09 -10.79 10.71
N LYS B 84 -7.78 -9.90 11.43
CA LYS B 84 -9.14 -10.20 11.87
C LYS B 84 -10.04 -10.47 10.68
N GLU B 85 -9.88 -9.70 9.60
CA GLU B 85 -10.74 -9.82 8.44
C GLU B 85 -10.19 -10.76 7.38
N GLY B 86 -9.02 -11.37 7.62
CA GLY B 86 -8.42 -12.28 6.67
C GLY B 86 -8.02 -11.65 5.35
N ASN B 87 -7.65 -10.36 5.35
CA ASN B 87 -7.25 -9.69 4.11
C ASN B 87 -5.72 -9.66 4.08
N ARG B 88 -5.14 -10.61 3.35
CA ARG B 88 -3.70 -10.71 3.25
C ARG B 88 -3.09 -9.54 2.48
N PHE B 89 -3.89 -8.85 1.66
CA PHE B 89 -3.34 -7.76 0.87
C PHE B 89 -3.15 -6.49 1.69
N ILE B 90 -4.14 -6.15 2.52
CA ILE B 90 -3.95 -5.07 3.49
C ILE B 90 -2.77 -5.38 4.39
N GLU B 91 -2.65 -6.64 4.82
CA GLU B 91 -1.48 -7.04 5.59
C GLU B 91 -0.19 -6.72 4.84
N ALA B 92 -0.12 -7.08 3.55
CA ALA B 92 1.10 -6.82 2.79
C ALA B 92 1.36 -5.32 2.62
N MET B 93 0.32 -4.54 2.33
CA MET B 93 0.46 -3.08 2.31
C MET B 93 1.02 -2.56 3.62
N GLY B 94 0.50 -3.05 4.73
CA GLY B 94 1.04 -2.66 6.02
C GLY B 94 2.53 -2.90 6.11
N GLU B 95 2.99 -4.07 5.64
CA GLU B 95 4.42 -4.33 5.69
C GLU B 95 5.19 -3.44 4.73
N ALA B 96 4.60 -3.12 3.57
CA ALA B 96 5.28 -2.22 2.63
C ALA B 96 5.39 -0.82 3.22
N LEU B 97 4.37 -0.37 3.96
CA LEU B 97 4.45 0.93 4.61
C LEU B 97 5.39 0.93 5.80
N ARG B 98 5.45 -0.19 6.54
CA ARG B 98 6.42 -0.29 7.62
C ARG B 98 7.82 0.02 7.11
N THR B 99 8.18 -0.53 5.95
CA THR B 99 9.46 -0.22 5.32
C THR B 99 9.61 1.27 5.08
N GLN B 100 8.53 1.94 4.65
CA GLN B 100 8.64 3.35 4.31
C GLN B 100 8.91 4.19 5.55
N ILE B 101 8.31 3.83 6.69
CA ILE B 101 8.58 4.55 7.94
C ILE B 101 10.05 4.47 8.28
N GLU B 102 10.60 3.27 8.26
CA GLU B 102 11.99 3.10 8.70
C GLU B 102 12.95 3.85 7.79
N ARG B 103 12.72 3.77 6.48
CA ARG B 103 13.57 4.47 5.53
C ARG B 103 13.41 5.99 5.60
N ALA B 104 12.32 6.48 6.21
CA ALA B 104 12.11 7.93 6.34
C ALA B 104 12.82 8.52 7.54
N LEU B 105 13.21 7.69 8.50
CA LEU B 105 13.86 8.18 9.71
C LEU B 105 15.25 8.72 9.40
N1 IND C . -7.03 -4.93 -0.42
C2 IND C . -8.34 -4.59 -0.20
C3 IND C . -8.43 -3.28 0.10
C4 IND C . -6.55 -1.47 0.24
C5 IND C . -5.19 -1.31 0.10
C6 IND C . -4.36 -2.38 -0.22
C7 IND C . -4.88 -3.64 -0.42
C8 IND C . -6.25 -3.81 -0.29
C9 IND C . -7.11 -2.74 0.05
#